data_7VRO
#
_entry.id   7VRO
#
_cell.length_a   114.129
_cell.length_b   55.489
_cell.length_c   67.659
_cell.angle_alpha   90.00
_cell.angle_beta   93.88
_cell.angle_gamma   90.00
#
_symmetry.space_group_name_H-M   'C 1 2 1'
#
loop_
_entity.id
_entity.type
_entity.pdbx_description
1 polymer 'Bromodomain-containing protein 2'
2 non-polymer THEOBROMINE
3 non-polymer 'SULFATE ION'
4 water water
#
_entity_poly.entity_id   1
_entity_poly.type   'polypeptide(L)'
_entity_poly.pdbx_seq_one_letter_code
;GSHMGRVTNQLQYLHKVVMKALWKHQFAWPFRQPVDAVKLGLPDYHKIIKQPMDMGTIKRRLENNYYWAASECMQDFNTM
FTNCYIYNKPTDDIVLMAQTLEKIFLQKVASMPQEEQELVVTIPKN
;
_entity_poly.pdbx_strand_id   A,B,C
#
loop_
_chem_comp.id
_chem_comp.type
_chem_comp.name
_chem_comp.formula
37T non-polymer THEOBROMINE 'C7 H8 N4 O2'
SO4 non-polymer 'SULFATE ION' 'O4 S -2'
#
# COMPACT_ATOMS: atom_id res chain seq x y z
N ARG A 6 19.60 7.72 -2.37
CA ARG A 6 18.70 8.69 -2.99
C ARG A 6 17.26 8.51 -2.53
N VAL A 7 16.44 7.84 -3.33
CA VAL A 7 15.06 7.61 -2.96
C VAL A 7 14.99 6.54 -1.87
N THR A 8 14.18 6.78 -0.84
CA THR A 8 14.10 5.80 0.22
C THR A 8 13.32 4.56 -0.23
N ASN A 9 13.53 3.47 0.51
CA ASN A 9 12.86 2.22 0.21
C ASN A 9 11.35 2.37 0.27
N GLN A 10 10.86 3.21 1.19
CA GLN A 10 9.43 3.43 1.36
C GLN A 10 8.84 4.16 0.18
N LEU A 11 9.53 5.19 -0.31
CA LEU A 11 9.01 5.93 -1.46
C LEU A 11 9.18 5.13 -2.75
N GLN A 12 10.23 4.32 -2.85
CA GLN A 12 10.33 3.36 -3.95
C GLN A 12 9.11 2.47 -3.98
N TYR A 13 8.72 1.98 -2.80
CA TYR A 13 7.58 1.08 -2.68
C TYR A 13 6.28 1.79 -3.01
N LEU A 14 6.10 3.00 -2.48
CA LEU A 14 4.89 3.75 -2.78
C LEU A 14 4.79 4.03 -4.26
N HIS A 15 5.91 4.30 -4.92
CA HIS A 15 5.86 4.55 -6.35
C HIS A 15 5.72 3.25 -7.13
N LYS A 16 6.62 2.30 -6.91
CA LYS A 16 6.66 1.10 -7.76
C LYS A 16 5.50 0.16 -7.49
N VAL A 17 4.95 0.17 -6.28
CA VAL A 17 3.93 -0.81 -5.89
C VAL A 17 2.58 -0.14 -5.71
N VAL A 18 2.52 0.93 -4.91
CA VAL A 18 1.23 1.53 -4.58
C VAL A 18 0.71 2.35 -5.76
N MET A 19 1.50 3.23 -6.33
CA MET A 19 1.01 4.07 -7.44
C MET A 19 0.83 3.26 -8.71
N LYS A 20 1.66 2.25 -8.93
CA LYS A 20 1.46 1.40 -10.12
C LYS A 20 0.09 0.75 -10.08
N ALA A 21 -0.26 0.15 -8.97
CA ALA A 21 -1.54 -0.54 -8.88
C ALA A 21 -2.72 0.41 -9.01
N LEU A 22 -2.71 1.55 -8.34
CA LEU A 22 -3.87 2.47 -8.32
C LEU A 22 -4.06 3.23 -9.62
N TRP A 23 -3.00 3.61 -10.33
CA TRP A 23 -3.08 4.42 -11.56
C TRP A 23 -3.71 3.64 -12.71
N LYS A 24 -3.46 2.35 -12.79
CA LYS A 24 -3.94 1.51 -13.89
C LYS A 24 -5.26 0.89 -13.50
N HIS A 25 -5.71 1.11 -12.27
CA HIS A 25 -6.93 0.46 -11.83
C HIS A 25 -8.14 0.95 -12.63
N GLN A 26 -9.10 0.05 -12.85
CA GLN A 26 -10.29 0.40 -13.64
C GLN A 26 -11.18 1.44 -12.98
N PHE A 27 -11.03 1.68 -11.67
CA PHE A 27 -11.77 2.74 -11.02
C PHE A 27 -10.91 3.99 -10.80
N ALA A 28 -9.72 4.04 -11.39
CA ALA A 28 -8.79 5.13 -11.07
C ALA A 28 -9.17 6.43 -11.77
N TRP A 29 -9.86 6.35 -12.91
CA TRP A 29 -9.93 7.49 -13.82
C TRP A 29 -10.52 8.76 -13.20
N PRO A 30 -11.52 8.71 -12.30
CA PRO A 30 -12.00 9.98 -11.69
C PRO A 30 -10.99 10.63 -10.77
N PHE A 31 -9.90 9.94 -10.44
CA PHE A 31 -8.91 10.42 -9.49
C PHE A 31 -7.58 10.77 -10.13
N ARG A 32 -7.44 10.62 -11.45
CA ARG A 32 -6.15 10.79 -12.12
C ARG A 32 -5.77 12.26 -12.32
N GLN A 33 -6.72 13.18 -12.16
CA GLN A 33 -6.50 14.62 -12.37
C GLN A 33 -7.33 15.37 -11.37
N PRO A 34 -6.96 16.61 -11.01
CA PRO A 34 -7.71 17.34 -10.00
C PRO A 34 -9.17 17.48 -10.39
N VAL A 35 -10.04 17.45 -9.39
CA VAL A 35 -11.45 17.76 -9.61
C VAL A 35 -11.55 19.08 -10.34
N ASP A 36 -12.23 19.08 -11.48
CA ASP A 36 -12.51 20.31 -12.23
C ASP A 36 -13.96 20.65 -11.94
N ALA A 37 -14.17 21.62 -11.05
CA ALA A 37 -15.52 21.91 -10.56
C ALA A 37 -16.42 22.41 -11.68
N VAL A 38 -15.87 23.14 -12.65
CA VAL A 38 -16.67 23.62 -13.77
C VAL A 38 -17.01 22.47 -14.71
N LYS A 39 -16.01 21.70 -15.14
CA LYS A 39 -16.27 20.59 -16.06
C LYS A 39 -17.23 19.58 -15.45
N LEU A 40 -17.14 19.35 -14.14
CA LEU A 40 -18.02 18.40 -13.47
C LEU A 40 -19.30 19.05 -12.98
N GLY A 41 -19.40 20.38 -13.06
CA GLY A 41 -20.59 21.06 -12.62
C GLY A 41 -20.85 20.96 -11.14
N LEU A 42 -19.83 21.18 -10.31
CA LEU A 42 -19.94 21.16 -8.85
C LEU A 42 -19.46 22.49 -8.29
N PRO A 43 -20.32 23.52 -8.26
CA PRO A 43 -19.86 24.86 -7.83
C PRO A 43 -19.56 24.99 -6.33
N ASP A 44 -19.97 24.04 -5.49
CA ASP A 44 -19.60 24.10 -4.07
C ASP A 44 -18.34 23.33 -3.75
N TYR A 45 -17.75 22.61 -4.73
CA TYR A 45 -16.71 21.64 -4.39
C TYR A 45 -15.58 22.29 -3.61
N HIS A 46 -15.13 23.45 -4.06
CA HIS A 46 -14.01 24.10 -3.40
C HIS A 46 -14.44 24.84 -2.14
N LYS A 47 -15.75 25.00 -1.93
CA LYS A 47 -16.25 25.51 -0.66
C LYS A 47 -16.27 24.44 0.41
N ILE A 48 -16.48 23.18 0.04
CA ILE A 48 -16.44 22.11 1.02
C ILE A 48 -15.04 21.51 1.12
N ILE A 49 -14.32 21.38 0.02
CA ILE A 49 -13.04 20.70 -0.03
C ILE A 49 -11.94 21.75 -0.12
N LYS A 50 -11.19 21.91 0.96
CA LYS A 50 -10.22 23.01 1.06
C LYS A 50 -8.82 22.62 0.60
N GLN A 51 -8.51 21.33 0.62
CA GLN A 51 -7.20 20.83 0.17
C GLN A 51 -7.43 19.74 -0.87
N PRO A 52 -7.65 20.12 -2.15
CA PRO A 52 -7.80 19.13 -3.18
C PRO A 52 -6.60 18.22 -3.42
N MET A 53 -6.86 16.95 -3.65
CA MET A 53 -5.80 15.99 -3.94
C MET A 53 -6.25 15.03 -5.04
N ASP A 54 -5.31 14.50 -5.79
CA ASP A 54 -5.58 13.63 -6.94
C ASP A 54 -4.34 12.78 -7.21
N MET A 55 -4.50 11.69 -7.95
CA MET A 55 -3.38 10.78 -8.18
C MET A 55 -2.35 11.38 -9.15
N GLY A 56 -2.76 12.27 -10.04
CA GLY A 56 -1.80 12.89 -10.94
C GLY A 56 -0.76 13.69 -10.19
N THR A 57 -1.20 14.52 -9.25
CA THR A 57 -0.28 15.28 -8.41
C THR A 57 0.65 14.36 -7.63
N ILE A 58 0.10 13.34 -6.95
CA ILE A 58 0.94 12.41 -6.20
C ILE A 58 1.95 11.72 -7.12
N LYS A 59 1.49 11.23 -8.28
CA LYS A 59 2.37 10.55 -9.22
C LYS A 59 3.55 11.45 -9.60
N ARG A 60 3.27 12.72 -9.90
CA ARG A 60 4.32 13.67 -10.24
C ARG A 60 5.25 13.92 -9.05
N ARG A 61 4.67 14.14 -7.86
CA ARG A 61 5.49 14.33 -6.67
C ARG A 61 6.38 13.13 -6.41
N LEU A 62 5.93 11.95 -6.80
CA LEU A 62 6.74 10.72 -6.58
C LEU A 62 7.88 10.70 -7.60
N GLU A 63 7.62 11.13 -8.81
CA GLU A 63 8.63 11.16 -9.89
C GLU A 63 9.69 12.24 -9.62
N ASN A 64 9.33 13.39 -9.05
CA ASN A 64 10.25 14.54 -8.86
C ASN A 64 10.75 14.63 -7.43
N ASN A 65 10.75 13.51 -6.73
CA ASN A 65 11.24 13.43 -5.32
C ASN A 65 10.80 14.62 -4.45
N TYR A 66 9.52 14.96 -4.47
CA TYR A 66 9.00 16.03 -3.61
C TYR A 66 8.90 15.53 -2.19
N TYR A 67 8.57 14.26 -2.00
CA TYR A 67 8.31 13.83 -0.62
C TYR A 67 9.59 13.60 0.15
N TRP A 68 9.59 14.04 1.41
CA TRP A 68 10.68 13.78 2.31
C TRP A 68 10.49 12.50 3.12
N ALA A 69 9.24 12.08 3.34
CA ALA A 69 8.98 10.86 4.06
C ALA A 69 7.78 10.14 3.47
N ALA A 70 7.71 8.85 3.78
CA ALA A 70 6.62 8.01 3.30
C ALA A 70 5.26 8.52 3.78
N SER A 71 5.13 8.80 5.08
CA SER A 71 3.86 9.26 5.62
C SER A 71 3.36 10.53 4.93
N GLU A 72 4.26 11.30 4.32
CA GLU A 72 3.85 12.51 3.61
C GLU A 72 3.12 12.15 2.30
N CYS A 73 3.60 11.12 1.61
CA CYS A 73 2.90 10.63 0.43
C CYS A 73 1.62 9.90 0.82
N MET A 74 1.69 9.09 1.88
CA MET A 74 0.51 8.44 2.42
C MET A 74 -0.59 9.45 2.77
N GLN A 75 -0.20 10.61 3.32
CA GLN A 75 -1.21 11.60 3.71
C GLN A 75 -1.96 12.12 2.51
N ASP A 76 -1.24 12.35 1.40
CA ASP A 76 -1.88 12.84 0.19
C ASP A 76 -2.90 11.83 -0.31
N PHE A 77 -2.50 10.57 -0.41
CA PHE A 77 -3.45 9.50 -0.76
C PHE A 77 -4.69 9.56 0.13
N ASN A 78 -4.47 9.69 1.44
CA ASN A 78 -5.59 9.72 2.38
C ASN A 78 -6.50 10.93 2.14
N THR A 79 -5.89 12.10 1.99
CA THR A 79 -6.66 13.32 1.71
C THR A 79 -7.52 13.15 0.46
N MET A 80 -6.93 12.61 -0.62
CA MET A 80 -7.67 12.36 -1.83
C MET A 80 -8.93 11.53 -1.57
N PHE A 81 -8.77 10.43 -0.82
CA PHE A 81 -9.92 9.58 -0.52
C PHE A 81 -10.88 10.29 0.43
N THR A 82 -10.35 10.96 1.46
CA THR A 82 -11.22 11.59 2.44
C THR A 82 -12.03 12.72 1.84
N ASN A 83 -11.44 13.53 0.96
CA ASN A 83 -12.20 14.52 0.19
C ASN A 83 -13.43 13.89 -0.44
N CYS A 84 -13.25 12.73 -1.07
CA CYS A 84 -14.35 12.06 -1.74
C CYS A 84 -15.44 11.67 -0.76
N TYR A 85 -15.06 11.11 0.39
CA TYR A 85 -16.10 10.65 1.31
C TYR A 85 -16.85 11.81 1.94
N ILE A 86 -16.14 12.93 2.16
CA ILE A 86 -16.75 14.09 2.79
C ILE A 86 -17.67 14.80 1.82
N TYR A 87 -17.22 15.02 0.60
CA TYR A 87 -17.97 15.86 -0.32
C TYR A 87 -19.18 15.13 -0.92
N ASN A 88 -19.03 13.85 -1.25
CA ASN A 88 -20.08 13.19 -2.01
C ASN A 88 -21.16 12.63 -1.07
N LYS A 89 -22.32 12.35 -1.64
CA LYS A 89 -23.41 11.72 -0.91
C LYS A 89 -23.04 10.26 -0.64
N PRO A 90 -23.54 9.68 0.46
CA PRO A 90 -23.13 8.30 0.80
C PRO A 90 -23.38 7.28 -0.32
N THR A 91 -24.39 7.53 -1.16
CA THR A 91 -24.82 6.56 -2.17
C THR A 91 -24.17 6.77 -3.53
N ASP A 92 -23.42 7.85 -3.71
CA ASP A 92 -22.73 8.07 -4.98
C ASP A 92 -21.76 6.93 -5.28
N ASP A 93 -21.78 6.47 -6.54
CA ASP A 93 -20.89 5.40 -6.96
C ASP A 93 -19.43 5.76 -6.75
N ILE A 94 -19.08 7.04 -6.79
CA ILE A 94 -17.66 7.36 -6.66
C ILE A 94 -17.17 7.03 -5.25
N VAL A 95 -18.04 7.11 -4.24
CA VAL A 95 -17.63 6.69 -2.90
C VAL A 95 -17.16 5.23 -2.90
N LEU A 96 -17.88 4.36 -3.59
CA LEU A 96 -17.43 2.98 -3.57
C LEU A 96 -16.22 2.77 -4.48
N MET A 97 -16.03 3.63 -5.47
CA MET A 97 -14.77 3.59 -6.23
C MET A 97 -13.59 3.99 -5.35
N ALA A 98 -13.74 5.07 -4.58
CA ALA A 98 -12.71 5.45 -3.63
C ALA A 98 -12.47 4.35 -2.60
N GLN A 99 -13.53 3.72 -2.11
CA GLN A 99 -13.34 2.67 -1.10
C GLN A 99 -12.52 1.52 -1.67
N THR A 100 -12.80 1.13 -2.92
CA THR A 100 -12.08 0.03 -3.53
C THR A 100 -10.61 0.35 -3.74
N LEU A 101 -10.31 1.58 -4.18
CA LEU A 101 -8.92 1.98 -4.32
C LEU A 101 -8.25 2.11 -2.96
N GLU A 102 -8.96 2.65 -1.98
CA GLU A 102 -8.32 2.84 -0.68
C GLU A 102 -8.02 1.50 -0.01
N LYS A 103 -8.85 0.49 -0.21
CA LYS A 103 -8.56 -0.84 0.34
C LYS A 103 -7.27 -1.42 -0.23
N ILE A 104 -7.02 -1.21 -1.53
CA ILE A 104 -5.77 -1.63 -2.15
C ILE A 104 -4.59 -0.86 -1.56
N PHE A 105 -4.71 0.47 -1.51
CA PHE A 105 -3.69 1.31 -0.86
C PHE A 105 -3.33 0.75 0.51
N LEU A 106 -4.35 0.49 1.33
CA LEU A 106 -4.12 -0.02 2.68
C LEU A 106 -3.41 -1.38 2.65
N GLN A 107 -3.92 -2.31 1.85
CA GLN A 107 -3.30 -3.62 1.74
C GLN A 107 -1.83 -3.48 1.39
N LYS A 108 -1.50 -2.65 0.40
CA LYS A 108 -0.11 -2.49 -0.01
C LYS A 108 0.74 -1.87 1.11
N VAL A 109 0.23 -0.83 1.77
CA VAL A 109 1.10 -0.21 2.78
C VAL A 109 1.30 -1.10 3.98
N ALA A 110 0.44 -2.12 4.17
CA ALA A 110 0.69 -3.12 5.20
C ALA A 110 1.94 -3.95 4.93
N SER A 111 2.53 -3.85 3.73
CA SER A 111 3.78 -4.54 3.40
C SER A 111 4.87 -3.56 2.98
N MET A 112 4.72 -2.30 3.34
CA MET A 112 5.78 -1.32 3.09
C MET A 112 6.97 -1.60 3.99
N PRO A 113 8.20 -1.39 3.51
CA PRO A 113 9.38 -1.60 4.34
C PRO A 113 9.60 -0.48 5.36
N GLN A 114 10.72 -0.58 6.07
CA GLN A 114 11.15 0.37 7.11
C GLN A 114 10.14 0.49 8.25
N THR B 8 0.72 -12.41 15.63
CA THR B 8 1.94 -12.08 14.90
C THR B 8 2.58 -10.77 15.34
N ASN B 9 3.71 -10.45 14.69
CA ASN B 9 4.48 -9.27 15.05
C ASN B 9 3.72 -7.99 14.73
N GLN B 10 3.21 -7.88 13.49
CA GLN B 10 2.51 -6.67 13.08
C GLN B 10 1.24 -6.46 13.90
N LEU B 11 0.50 -7.53 14.16
CA LEU B 11 -0.69 -7.41 15.01
C LEU B 11 -0.33 -6.90 16.39
N GLN B 12 0.80 -7.35 16.93
CA GLN B 12 1.24 -6.86 18.24
C GLN B 12 1.55 -5.38 18.19
N TYR B 13 2.20 -4.92 17.12
CA TYR B 13 2.48 -3.51 16.93
C TYR B 13 1.19 -2.69 16.82
N LEU B 14 0.24 -3.16 16.00
CA LEU B 14 -1.05 -2.47 15.87
C LEU B 14 -1.77 -2.36 17.21
N HIS B 15 -1.63 -3.40 18.05
CA HIS B 15 -2.18 -3.34 19.40
C HIS B 15 -1.36 -2.42 20.29
N LYS B 16 -0.06 -2.68 20.40
CA LYS B 16 0.75 -2.08 21.46
C LYS B 16 1.18 -0.66 21.13
N VAL B 17 1.38 -0.33 19.86
CA VAL B 17 1.87 1.00 19.45
C VAL B 17 0.78 1.83 18.80
N VAL B 18 0.15 1.31 17.74
CA VAL B 18 -0.83 2.11 17.01
C VAL B 18 -2.06 2.36 17.88
N MET B 19 -2.71 1.28 18.32
CA MET B 19 -3.96 1.42 19.05
C MET B 19 -3.76 2.19 20.34
N LYS B 20 -2.65 1.96 21.03
CA LYS B 20 -2.41 2.64 22.30
C LYS B 20 -2.33 4.15 22.10
N ALA B 21 -1.59 4.58 21.07
CA ALA B 21 -1.48 6.01 20.80
C ALA B 21 -2.81 6.62 20.36
N LEU B 22 -3.64 5.87 19.66
CA LEU B 22 -4.94 6.41 19.27
C LEU B 22 -5.92 6.41 20.43
N TRP B 23 -5.89 5.38 21.27
CA TRP B 23 -6.89 5.20 22.32
C TRP B 23 -6.93 6.39 23.27
N LYS B 24 -5.76 6.85 23.72
CA LYS B 24 -5.72 7.86 24.78
C LYS B 24 -5.63 9.27 24.24
N HIS B 25 -5.72 9.45 22.92
CA HIS B 25 -5.76 10.78 22.34
C HIS B 25 -6.99 11.53 22.81
N GLN B 26 -6.88 12.86 22.92
CA GLN B 26 -7.99 13.65 23.41
C GLN B 26 -9.18 13.69 22.45
N PHE B 27 -9.03 13.27 21.19
CA PHE B 27 -10.15 13.23 20.26
C PHE B 27 -10.75 11.83 20.11
N ALA B 28 -10.22 10.84 20.82
CA ALA B 28 -10.57 9.44 20.57
C ALA B 28 -11.90 9.02 21.18
N TRP B 29 -12.43 9.72 22.18
CA TRP B 29 -13.57 9.19 22.91
C TRP B 29 -14.79 8.84 22.04
N PRO B 30 -15.09 9.52 20.94
CA PRO B 30 -16.28 9.12 20.17
C PRO B 30 -16.11 7.80 19.45
N PHE B 31 -14.88 7.31 19.37
CA PHE B 31 -14.53 6.15 18.59
C PHE B 31 -14.15 4.94 19.44
N ARG B 32 -14.23 5.05 20.77
CA ARG B 32 -13.81 3.97 21.65
C ARG B 32 -14.83 2.85 21.77
N GLN B 33 -16.08 3.11 21.42
CA GLN B 33 -17.16 2.15 21.59
C GLN B 33 -18.08 2.25 20.38
N PRO B 34 -18.83 1.19 20.08
CA PRO B 34 -19.79 1.26 18.97
C PRO B 34 -20.73 2.45 19.11
N VAL B 35 -21.01 3.10 17.97
CA VAL B 35 -22.08 4.09 17.92
C VAL B 35 -23.36 3.43 18.38
N ASP B 36 -23.99 4.01 19.40
CA ASP B 36 -25.32 3.59 19.84
C ASP B 36 -26.28 4.65 19.32
N ALA B 37 -26.96 4.33 18.22
CA ALA B 37 -27.75 5.35 17.52
C ALA B 37 -28.95 5.81 18.33
N VAL B 38 -29.44 4.98 19.25
CA VAL B 38 -30.55 5.38 20.11
C VAL B 38 -30.11 6.46 21.08
N LYS B 39 -29.11 6.14 21.91
CA LYS B 39 -28.61 7.09 22.90
C LYS B 39 -28.16 8.40 22.26
N LEU B 40 -27.49 8.33 21.12
CA LEU B 40 -26.90 9.51 20.50
C LEU B 40 -27.87 10.27 19.61
N GLY B 41 -29.11 9.82 19.49
CA GLY B 41 -30.06 10.52 18.66
C GLY B 41 -29.66 10.53 17.20
N LEU B 42 -29.40 9.36 16.63
CA LEU B 42 -29.05 9.22 15.22
C LEU B 42 -29.88 8.10 14.62
N PRO B 43 -31.20 8.27 14.51
CA PRO B 43 -32.07 7.19 14.01
C PRO B 43 -31.82 6.80 12.56
N ASP B 44 -31.06 7.57 11.79
CA ASP B 44 -30.73 7.20 10.43
C ASP B 44 -29.35 6.55 10.33
N TYR B 45 -28.66 6.33 11.45
CA TYR B 45 -27.26 5.96 11.39
C TYR B 45 -27.05 4.61 10.70
N HIS B 46 -27.91 3.63 11.01
CA HIS B 46 -27.71 2.29 10.47
C HIS B 46 -28.32 2.12 9.08
N LYS B 47 -29.14 3.08 8.63
CA LYS B 47 -29.55 3.12 7.23
C LYS B 47 -28.40 3.54 6.33
N ILE B 48 -27.51 4.40 6.82
CA ILE B 48 -26.42 4.92 6.01
C ILE B 48 -25.13 4.14 6.23
N ILE B 49 -24.80 3.84 7.47
CA ILE B 49 -23.58 3.12 7.80
C ILE B 49 -23.96 1.66 7.95
N LYS B 50 -23.70 0.86 6.92
CA LYS B 50 -24.06 -0.55 6.96
C LYS B 50 -23.00 -1.42 7.62
N GLN B 51 -21.80 -0.89 7.84
CA GLN B 51 -20.71 -1.64 8.45
C GLN B 51 -20.12 -0.81 9.59
N PRO B 52 -20.77 -0.80 10.75
CA PRO B 52 -20.25 -0.03 11.88
C PRO B 52 -18.95 -0.63 12.41
N MET B 53 -18.05 0.25 12.86
CA MET B 53 -16.74 -0.14 13.35
C MET B 53 -16.27 0.89 14.34
N ASP B 54 -15.46 0.45 15.30
CA ASP B 54 -14.99 1.30 16.39
C ASP B 54 -13.74 0.66 16.97
N MET B 55 -12.98 1.47 17.73
CA MET B 55 -11.71 0.99 18.24
C MET B 55 -11.89 -0.03 19.36
N GLY B 56 -13.00 0.05 20.11
CA GLY B 56 -13.28 -0.99 21.09
C GLY B 56 -13.46 -2.35 20.46
N THR B 57 -14.21 -2.43 19.37
CA THR B 57 -14.30 -3.69 18.63
C THR B 57 -12.94 -4.15 18.13
N ILE B 58 -12.17 -3.24 17.52
CA ILE B 58 -10.85 -3.60 16.97
C ILE B 58 -9.91 -4.08 18.07
N LYS B 59 -9.88 -3.35 19.19
CA LYS B 59 -9.03 -3.75 20.31
C LYS B 59 -9.38 -5.14 20.81
N ARG B 60 -10.67 -5.38 21.09
CA ARG B 60 -11.09 -6.70 21.56
C ARG B 60 -10.71 -7.78 20.55
N ARG B 61 -10.90 -7.50 19.26
CA ARG B 61 -10.47 -8.43 18.22
C ARG B 61 -8.97 -8.67 18.27
N LEU B 62 -8.18 -7.64 18.54
CA LEU B 62 -6.74 -7.85 18.62
C LEU B 62 -6.38 -8.75 19.81
N GLU B 63 -7.12 -8.64 20.91
CA GLU B 63 -6.88 -9.39 22.13
C GLU B 63 -7.47 -10.79 22.10
N ASN B 64 -8.11 -11.19 21.00
CA ASN B 64 -8.71 -12.52 20.92
C ASN B 64 -8.26 -13.27 19.68
N ASN B 65 -7.19 -12.81 19.02
CA ASN B 65 -6.66 -13.48 17.83
C ASN B 65 -7.68 -13.53 16.70
N TYR B 66 -8.54 -12.51 16.61
CA TYR B 66 -9.54 -12.51 15.54
C TYR B 66 -8.87 -12.32 14.19
N TYR B 67 -7.93 -11.40 14.11
CA TYR B 67 -7.31 -11.07 12.83
C TYR B 67 -6.28 -12.12 12.45
N TRP B 68 -6.28 -12.50 11.18
CA TRP B 68 -5.25 -13.34 10.62
C TRP B 68 -4.06 -12.55 10.08
N ALA B 69 -4.28 -11.30 9.66
CA ALA B 69 -3.24 -10.49 9.05
C ALA B 69 -3.40 -9.04 9.51
N ALA B 70 -2.34 -8.26 9.40
CA ALA B 70 -2.39 -6.83 9.75
C ALA B 70 -3.37 -6.09 8.85
N SER B 71 -3.35 -6.40 7.57
CA SER B 71 -4.28 -5.83 6.57
C SER B 71 -5.72 -5.79 7.10
N GLU B 72 -6.20 -6.86 7.68
CA GLU B 72 -7.60 -6.94 8.14
C GLU B 72 -7.85 -6.02 9.32
N CYS B 73 -6.85 -5.80 10.16
CA CYS B 73 -7.00 -4.84 11.26
C CYS B 73 -6.95 -3.43 10.67
N MET B 74 -6.03 -3.18 9.77
CA MET B 74 -6.00 -1.82 9.22
C MET B 74 -7.28 -1.51 8.46
N GLN B 75 -7.86 -2.50 7.80
CA GLN B 75 -9.11 -2.28 7.07
C GLN B 75 -10.24 -1.89 8.02
N ASP B 76 -10.24 -2.48 9.22
CA ASP B 76 -11.19 -2.11 10.25
C ASP B 76 -10.99 -0.67 10.70
N PHE B 77 -9.73 -0.26 10.94
CA PHE B 77 -9.46 1.14 11.25
C PHE B 77 -9.98 2.07 10.15
N ASN B 78 -9.77 1.69 8.89
CA ASN B 78 -10.18 2.54 7.77
C ASN B 78 -11.71 2.64 7.67
N THR B 79 -12.40 1.51 7.84
CA THR B 79 -13.86 1.51 7.82
C THR B 79 -14.44 2.48 8.86
N MET B 80 -13.93 2.41 10.11
CA MET B 80 -14.33 3.33 11.18
C MET B 80 -14.25 4.80 10.76
N PHE B 81 -13.08 5.20 10.25
CA PHE B 81 -12.87 6.58 9.83
C PHE B 81 -13.78 6.93 8.67
N THR B 82 -13.86 6.05 7.66
CA THR B 82 -14.69 6.31 6.49
C THR B 82 -16.16 6.42 6.87
N ASN B 83 -16.60 5.63 7.85
CA ASN B 83 -17.97 5.77 8.35
C ASN B 83 -18.23 7.18 8.85
N CYS B 84 -17.26 7.76 9.55
CA CYS B 84 -17.43 9.10 10.09
C CYS B 84 -17.51 10.12 8.95
N TYR B 85 -16.60 10.06 7.98
CA TYR B 85 -16.61 11.02 6.88
C TYR B 85 -17.92 10.94 6.08
N ILE B 86 -18.44 9.72 5.93
CA ILE B 86 -19.60 9.50 5.08
C ILE B 86 -20.88 9.97 5.76
N TYR B 87 -21.07 9.60 7.03
CA TYR B 87 -22.32 9.90 7.71
C TYR B 87 -22.44 11.38 8.12
N ASN B 88 -21.36 12.01 8.58
CA ASN B 88 -21.47 13.34 9.18
C ASN B 88 -21.36 14.45 8.13
N LYS B 89 -21.93 15.62 8.45
CA LYS B 89 -21.75 16.78 7.59
C LYS B 89 -20.29 17.20 7.57
N PRO B 90 -19.81 17.72 6.43
CA PRO B 90 -18.40 18.16 6.34
C PRO B 90 -17.95 19.05 7.47
N THR B 91 -18.84 19.89 8.03
CA THR B 91 -18.50 20.90 9.02
C THR B 91 -18.53 20.38 10.46
N ASP B 92 -18.91 19.12 10.68
CA ASP B 92 -19.01 18.61 12.05
C ASP B 92 -17.62 18.44 12.64
N ASP B 93 -17.50 18.76 13.93
CA ASP B 93 -16.19 18.65 14.60
C ASP B 93 -15.65 17.23 14.57
N ILE B 94 -16.54 16.23 14.57
CA ILE B 94 -16.08 14.85 14.60
C ILE B 94 -15.36 14.47 13.31
N VAL B 95 -15.66 15.15 12.20
CA VAL B 95 -14.87 14.96 10.98
C VAL B 95 -13.41 15.34 11.22
N LEU B 96 -13.18 16.52 11.81
CA LEU B 96 -11.83 16.94 12.16
C LEU B 96 -11.19 15.98 13.15
N MET B 97 -11.98 15.49 14.11
CA MET B 97 -11.44 14.55 15.09
C MET B 97 -10.98 13.26 14.43
N ALA B 98 -11.79 12.74 13.50
CA ALA B 98 -11.41 11.52 12.78
C ALA B 98 -10.16 11.73 11.93
N GLN B 99 -10.10 12.84 11.19
CA GLN B 99 -8.92 13.15 10.37
C GLN B 99 -7.64 13.19 11.21
N THR B 100 -7.69 13.82 12.37
CA THR B 100 -6.49 13.90 13.20
C THR B 100 -6.04 12.53 13.64
N LEU B 101 -6.99 11.71 14.08
CA LEU B 101 -6.66 10.34 14.50
C LEU B 101 -6.15 9.53 13.32
N GLU B 102 -6.80 9.65 12.16
CA GLU B 102 -6.38 8.89 10.97
C GLU B 102 -4.96 9.25 10.55
N LYS B 103 -4.58 10.53 10.66
CA LYS B 103 -3.20 10.90 10.35
C LYS B 103 -2.21 10.13 11.23
N ILE B 104 -2.47 10.09 12.54
CA ILE B 104 -1.59 9.39 13.47
C ILE B 104 -1.51 7.90 13.11
N PHE B 105 -2.65 7.30 12.82
CA PHE B 105 -2.71 5.90 12.41
C PHE B 105 -1.81 5.66 11.20
N LEU B 106 -1.87 6.53 10.20
CA LEU B 106 -1.05 6.35 9.02
C LEU B 106 0.43 6.52 9.33
N GLN B 107 0.78 7.49 10.18
CA GLN B 107 2.18 7.65 10.58
C GLN B 107 2.69 6.40 11.27
N LYS B 108 1.93 5.91 12.25
CA LYS B 108 2.36 4.72 12.99
C LYS B 108 2.39 3.49 12.09
N VAL B 109 1.45 3.40 11.14
CA VAL B 109 1.45 2.27 10.22
C VAL B 109 2.69 2.29 9.33
N ALA B 110 3.11 3.47 8.90
CA ALA B 110 4.31 3.57 8.07
C ALA B 110 5.54 3.02 8.76
N SER B 111 5.50 2.86 10.09
CA SER B 111 6.62 2.33 10.85
C SER B 111 6.36 0.91 11.35
N MET B 112 5.35 0.24 10.82
CA MET B 112 5.11 -1.14 11.19
C MET B 112 6.27 -2.03 10.74
N PRO B 113 6.73 -2.94 11.60
CA PRO B 113 7.76 -3.90 11.18
C PRO B 113 7.32 -4.77 10.00
N GLN B 114 8.30 -5.23 9.24
CA GLN B 114 8.04 -6.13 8.11
C GLN B 114 8.83 -7.42 8.28
N THR C 8 12.77 -28.19 -21.21
CA THR C 8 11.45 -28.04 -21.86
C THR C 8 10.35 -28.21 -20.80
N ASN C 9 10.23 -29.40 -20.23
CA ASN C 9 9.48 -29.50 -18.98
C ASN C 9 10.16 -28.71 -17.87
N GLN C 10 11.50 -28.67 -17.87
CA GLN C 10 12.22 -27.88 -16.87
C GLN C 10 11.91 -26.40 -17.02
N LEU C 11 11.99 -25.89 -18.26
CA LEU C 11 11.73 -24.47 -18.51
C LEU C 11 10.29 -24.10 -18.22
N GLN C 12 9.34 -25.01 -18.47
CA GLN C 12 7.97 -24.71 -18.09
C GLN C 12 7.80 -24.74 -16.58
N TYR C 13 8.52 -25.65 -15.92
CA TYR C 13 8.50 -25.66 -14.46
C TYR C 13 9.05 -24.36 -13.89
N LEU C 14 10.18 -23.89 -14.41
CA LEU C 14 10.75 -22.62 -13.95
C LEU C 14 9.82 -21.45 -14.22
N HIS C 15 9.08 -21.49 -15.35
CA HIS C 15 8.08 -20.47 -15.65
C HIS C 15 6.85 -20.59 -14.74
N LYS C 16 6.18 -21.74 -14.80
CA LYS C 16 4.88 -21.89 -14.15
C LYS C 16 4.94 -22.13 -12.65
N VAL C 17 6.08 -22.57 -12.11
CA VAL C 17 6.20 -22.82 -10.67
C VAL C 17 7.19 -21.85 -10.01
N VAL C 18 8.40 -21.75 -10.54
CA VAL C 18 9.41 -20.94 -9.88
C VAL C 18 9.11 -19.45 -10.05
N MET C 19 9.00 -19.00 -11.30
CA MET C 19 8.75 -17.57 -11.54
C MET C 19 7.38 -17.14 -11.00
N LYS C 20 6.36 -17.99 -11.18
CA LYS C 20 5.03 -17.64 -10.68
C LYS C 20 5.07 -17.39 -9.18
N ALA C 21 5.77 -18.23 -8.42
CA ALA C 21 5.88 -18.03 -6.97
C ALA C 21 6.73 -16.82 -6.64
N LEU C 22 7.87 -16.66 -7.30
CA LEU C 22 8.76 -15.54 -7.00
C LEU C 22 8.14 -14.20 -7.41
N TRP C 23 7.44 -14.08 -8.52
CA TRP C 23 6.88 -12.80 -9.01
C TRP C 23 5.79 -12.23 -8.09
N LYS C 24 4.97 -13.08 -7.49
CA LYS C 24 3.84 -12.65 -6.65
C LYS C 24 4.27 -12.40 -5.21
N HIS C 25 5.49 -12.80 -4.88
CA HIS C 25 6.00 -12.65 -3.51
C HIS C 25 6.04 -11.19 -3.16
N GLN C 26 5.81 -10.92 -1.90
CA GLN C 26 5.81 -9.55 -1.41
C GLN C 26 7.19 -8.89 -1.45
N PHE C 27 8.27 -9.67 -1.48
CA PHE C 27 9.61 -9.12 -1.53
C PHE C 27 10.13 -8.94 -2.95
N ALA C 28 9.28 -9.20 -3.96
CA ALA C 28 9.69 -9.17 -5.35
C ALA C 28 9.80 -7.76 -5.94
N TRP C 29 9.21 -6.76 -5.30
CA TRP C 29 9.06 -5.46 -5.97
C TRP C 29 10.38 -4.79 -6.37
N PRO C 30 11.50 -4.90 -5.64
CA PRO C 30 12.74 -4.30 -6.13
C PRO C 30 13.34 -5.00 -7.33
N PHE C 31 12.90 -6.22 -7.65
CA PHE C 31 13.50 -7.03 -8.69
C PHE C 31 12.60 -7.24 -9.89
N ARG C 32 11.41 -6.61 -9.94
CA ARG C 32 10.46 -6.86 -11.02
C ARG C 32 10.84 -6.15 -12.31
N GLN C 33 11.78 -5.21 -12.25
CA GLN C 33 12.15 -4.34 -13.34
C GLN C 33 13.63 -4.05 -13.18
N PRO C 34 14.34 -3.76 -14.26
CA PRO C 34 15.79 -3.52 -14.15
C PRO C 34 16.09 -2.34 -13.25
N VAL C 35 17.24 -2.41 -12.57
CA VAL C 35 17.68 -1.28 -11.77
C VAL C 35 17.79 -0.07 -12.67
N ASP C 36 17.02 0.97 -12.35
CA ASP C 36 17.24 2.27 -12.98
C ASP C 36 18.17 3.05 -12.06
N ALA C 37 19.45 3.10 -12.46
CA ALA C 37 20.46 3.75 -11.63
C ALA C 37 20.27 5.26 -11.58
N VAL C 38 19.79 5.85 -12.67
CA VAL C 38 19.53 7.29 -12.67
C VAL C 38 18.33 7.61 -11.78
N LYS C 39 17.22 6.90 -11.97
CA LYS C 39 16.00 7.19 -11.19
C LYS C 39 16.20 6.88 -9.71
N LEU C 40 16.86 5.77 -9.40
CA LEU C 40 17.15 5.42 -8.00
C LEU C 40 18.34 6.17 -7.43
N GLY C 41 18.90 7.13 -8.17
CA GLY C 41 20.10 7.84 -7.76
C GLY C 41 21.19 6.95 -7.21
N LEU C 42 21.62 5.97 -8.00
CA LEU C 42 22.76 5.10 -7.68
C LEU C 42 23.78 5.24 -8.80
N PRO C 43 24.48 6.38 -8.88
CA PRO C 43 25.33 6.67 -10.06
C PRO C 43 26.60 5.82 -10.15
N ASP C 44 26.82 4.87 -9.25
CA ASP C 44 27.97 3.97 -9.33
C ASP C 44 27.55 2.54 -9.67
N TYR C 45 26.27 2.31 -9.92
CA TYR C 45 25.74 0.95 -10.01
C TYR C 45 26.36 0.19 -11.17
N HIS C 46 26.47 0.83 -12.34
CA HIS C 46 26.96 0.12 -13.52
C HIS C 46 28.48 0.10 -13.58
N LYS C 47 29.16 0.85 -12.73
CA LYS C 47 30.60 0.63 -12.56
C LYS C 47 30.88 -0.65 -11.76
N ILE C 48 30.02 -0.98 -10.80
CA ILE C 48 30.28 -2.13 -9.93
C ILE C 48 29.62 -3.39 -10.48
N ILE C 49 28.38 -3.29 -10.94
CA ILE C 49 27.62 -4.43 -11.44
C ILE C 49 27.75 -4.47 -12.96
N LYS C 50 28.42 -5.50 -13.48
CA LYS C 50 28.68 -5.54 -14.91
C LYS C 50 27.56 -6.17 -15.70
N GLN C 51 26.78 -7.08 -15.11
CA GLN C 51 25.68 -7.77 -15.81
C GLN C 51 24.39 -7.60 -15.00
N PRO C 52 23.68 -6.48 -15.19
CA PRO C 52 22.40 -6.31 -14.50
C PRO C 52 21.41 -7.40 -14.88
N MET C 53 20.57 -7.77 -13.93
CA MET C 53 19.54 -8.74 -14.26
C MET C 53 18.37 -8.54 -13.32
N ASP C 54 17.17 -8.85 -13.81
CA ASP C 54 15.96 -8.64 -13.05
C ASP C 54 14.92 -9.70 -13.43
N MET C 55 13.88 -9.81 -12.60
CA MET C 55 12.85 -10.82 -12.85
C MET C 55 11.95 -10.44 -14.04
N GLY C 56 11.79 -9.15 -14.32
CA GLY C 56 11.04 -8.80 -15.52
C GLY C 56 11.69 -9.36 -16.77
N THR C 57 13.01 -9.19 -16.87
CA THR C 57 13.75 -9.75 -18.00
C THR C 57 13.61 -11.27 -18.06
N ILE C 58 13.78 -11.95 -16.91
CA ILE C 58 13.70 -13.41 -16.89
C ILE C 58 12.28 -13.87 -17.26
N LYS C 59 11.27 -13.15 -16.77
CA LYS C 59 9.89 -13.50 -17.09
C LYS C 59 9.65 -13.42 -18.61
N ARG C 60 10.06 -12.31 -19.24
CA ARG C 60 9.88 -12.17 -20.68
C ARG C 60 10.64 -13.25 -21.44
N ARG C 61 11.82 -13.64 -20.93
CA ARG C 61 12.60 -14.69 -21.59
C ARG C 61 11.93 -16.04 -21.43
N LEU C 62 11.26 -16.26 -20.29
CA LEU C 62 10.52 -17.51 -20.11
C LEU C 62 9.33 -17.57 -21.04
N GLU C 63 8.56 -16.48 -21.10
CA GLU C 63 7.39 -16.44 -21.97
C GLU C 63 7.78 -16.56 -23.43
N ASN C 64 8.91 -15.97 -23.81
CA ASN C 64 9.31 -15.93 -25.22
C ASN C 64 10.20 -17.10 -25.62
N ASN C 65 10.43 -18.07 -24.73
CA ASN C 65 11.20 -19.27 -25.06
C ASN C 65 12.65 -18.93 -25.41
N TYR C 66 13.15 -17.84 -24.83
CA TYR C 66 14.53 -17.42 -25.07
C TYR C 66 15.53 -18.47 -24.61
N TYR C 67 15.23 -19.20 -23.54
CA TYR C 67 16.27 -19.98 -22.87
C TYR C 67 16.56 -21.27 -23.61
N TRP C 68 17.84 -21.48 -23.90
CA TRP C 68 18.34 -22.72 -24.50
C TRP C 68 18.26 -23.88 -23.52
N ALA C 69 18.32 -23.60 -22.21
CA ALA C 69 18.35 -24.65 -21.21
C ALA C 69 17.98 -24.06 -19.85
N ALA C 70 17.47 -24.92 -18.98
CA ALA C 70 17.07 -24.45 -17.64
C ALA C 70 18.26 -23.87 -16.89
N SER C 71 19.47 -24.40 -17.12
CA SER C 71 20.64 -23.86 -16.44
C SER C 71 20.83 -22.38 -16.73
N GLU C 72 20.41 -21.92 -17.92
CA GLU C 72 20.58 -20.52 -18.28
C GLU C 72 19.63 -19.61 -17.51
N CYS C 73 18.37 -20.03 -17.37
CA CYS C 73 17.43 -19.26 -16.56
C CYS C 73 17.87 -19.23 -15.10
N MET C 74 18.41 -20.33 -14.59
CA MET C 74 18.89 -20.37 -13.21
C MET C 74 20.08 -19.44 -13.00
N GLN C 75 20.99 -19.35 -13.98
CA GLN C 75 22.09 -18.38 -13.90
C GLN C 75 21.57 -16.95 -13.83
N ASP C 76 20.54 -16.62 -14.62
CA ASP C 76 20.01 -15.26 -14.58
C ASP C 76 19.42 -14.95 -13.21
N PHE C 77 18.65 -15.89 -12.65
CA PHE C 77 18.18 -15.74 -11.28
C PHE C 77 19.35 -15.52 -10.32
N ASN C 78 20.37 -16.35 -10.45
CA ASN C 78 21.53 -16.25 -9.56
C ASN C 78 22.27 -14.93 -9.73
N THR C 79 22.42 -14.48 -10.98
CA THR C 79 23.08 -13.20 -11.22
C THR C 79 22.30 -12.05 -10.58
N MET C 80 20.97 -12.05 -10.75
CA MET C 80 20.15 -11.04 -10.11
C MET C 80 20.42 -10.98 -8.60
N PHE C 81 20.43 -12.13 -7.94
CA PHE C 81 20.67 -12.15 -6.51
C PHE C 81 22.09 -11.69 -6.17
N THR C 82 23.07 -12.14 -6.93
CA THR C 82 24.45 -11.79 -6.61
C THR C 82 24.69 -10.29 -6.74
N ASN C 83 24.18 -9.68 -7.82
CA ASN C 83 24.31 -8.23 -7.97
C ASN C 83 23.85 -7.50 -6.72
N CYS C 84 22.70 -7.89 -6.17
CA CYS C 84 22.18 -7.25 -4.96
C CYS C 84 23.15 -7.42 -3.80
N TYR C 85 23.66 -8.64 -3.60
CA TYR C 85 24.58 -8.91 -2.49
C TYR C 85 25.89 -8.15 -2.64
N ILE C 86 26.37 -7.99 -3.88
CA ILE C 86 27.64 -7.31 -4.11
C ILE C 86 27.50 -5.80 -3.93
N TYR C 87 26.43 -5.22 -4.49
CA TYR C 87 26.35 -3.77 -4.54
C TYR C 87 25.85 -3.16 -3.23
N ASN C 88 24.91 -3.80 -2.55
CA ASN C 88 24.26 -3.15 -1.43
C ASN C 88 25.06 -3.33 -0.14
N LYS C 89 24.84 -2.42 0.80
CA LYS C 89 25.44 -2.57 2.12
C LYS C 89 24.86 -3.82 2.80
N PRO C 90 25.64 -4.48 3.64
CA PRO C 90 25.14 -5.69 4.33
C PRO C 90 23.82 -5.48 5.05
N THR C 91 23.65 -4.33 5.72
CA THR C 91 22.48 -4.06 6.54
C THR C 91 21.22 -3.70 5.74
N ASP C 92 21.36 -3.40 4.44
CA ASP C 92 20.22 -2.99 3.62
C ASP C 92 19.09 -4.03 3.66
N ASP C 93 17.85 -3.54 3.79
CA ASP C 93 16.70 -4.44 3.79
C ASP C 93 16.64 -5.27 2.51
N ILE C 94 16.97 -4.66 1.36
CA ILE C 94 16.89 -5.40 0.11
C ILE C 94 17.78 -6.64 0.14
N VAL C 95 18.90 -6.59 0.86
CA VAL C 95 19.75 -7.77 0.98
C VAL C 95 18.96 -8.92 1.59
N LEU C 96 18.25 -8.66 2.69
CA LEU C 96 17.44 -9.68 3.33
C LEU C 96 16.29 -10.12 2.44
N MET C 97 15.77 -9.23 1.62
CA MET C 97 14.67 -9.61 0.74
C MET C 97 15.16 -10.58 -0.33
N ALA C 98 16.27 -10.25 -0.99
CA ALA C 98 16.86 -11.19 -1.94
C ALA C 98 17.20 -12.51 -1.27
N GLN C 99 17.72 -12.48 -0.05
CA GLN C 99 18.01 -13.73 0.65
C GLN C 99 16.75 -14.58 0.77
N THR C 100 15.63 -13.95 1.12
CA THR C 100 14.39 -14.69 1.26
C THR C 100 13.93 -15.26 -0.08
N LEU C 101 14.03 -14.46 -1.14
CA LEU C 101 13.63 -14.93 -2.47
C LEU C 101 14.58 -16.00 -2.99
N GLU C 102 15.88 -15.82 -2.75
CA GLU C 102 16.84 -16.81 -3.23
C GLU C 102 16.59 -18.19 -2.60
N LYS C 103 16.18 -18.24 -1.34
CA LYS C 103 15.97 -19.52 -0.68
C LYS C 103 14.76 -20.25 -1.29
N ILE C 104 13.67 -19.53 -1.52
CA ILE C 104 12.51 -20.10 -2.22
C ILE C 104 12.92 -20.58 -3.62
N PHE C 105 13.60 -19.71 -4.37
CA PHE C 105 14.17 -20.08 -5.65
C PHE C 105 14.85 -21.44 -5.58
N LEU C 106 15.72 -21.63 -4.58
CA LEU C 106 16.50 -22.86 -4.49
C LEU C 106 15.66 -24.06 -4.09
N GLN C 107 14.77 -23.90 -3.11
CA GLN C 107 13.85 -24.99 -2.75
C GLN C 107 13.08 -25.45 -3.98
N LYS C 108 12.48 -24.50 -4.71
CA LYS C 108 11.72 -24.87 -5.89
C LYS C 108 12.60 -25.53 -6.94
N VAL C 109 13.86 -25.10 -7.08
CA VAL C 109 14.74 -25.71 -8.06
C VAL C 109 15.06 -27.16 -7.69
N ALA C 110 15.10 -27.48 -6.39
CA ALA C 110 15.43 -28.83 -5.95
C ALA C 110 14.42 -29.87 -6.44
N SER C 111 13.16 -29.48 -6.61
CA SER C 111 12.13 -30.39 -7.13
C SER C 111 11.93 -30.27 -8.62
N MET C 112 12.71 -29.45 -9.31
CA MET C 112 12.63 -29.37 -10.76
C MET C 112 12.76 -30.77 -11.36
N PRO C 113 11.89 -31.15 -12.27
CA PRO C 113 12.05 -32.45 -12.94
C PRO C 113 13.29 -32.44 -13.82
N GLN C 114 13.80 -33.63 -14.08
CA GLN C 114 14.97 -33.75 -14.95
C GLN C 114 14.53 -34.00 -16.39
O6 37T D . -15.46 13.84 -5.54
C6 37T D . -16.00 13.77 -6.65
N1 37T D . -17.37 13.90 -6.78
C5 37T D . -15.36 13.56 -7.93
N7 37T D . -14.05 13.29 -8.27
C13 37T D . -12.91 13.09 -7.38
C8 37T D . -14.06 13.15 -9.62
N9 37T D . -15.25 13.28 -10.15
C4 37T D . -16.06 13.52 -9.09
N3 37T D . -17.42 13.65 -9.12
C12 37T D . -18.17 13.62 -10.37
C2 37T D . -18.12 13.83 -7.93
O2 37T D . -19.33 13.89 -7.91
O6 37T E . -12.98 9.61 -18.67
C6 37T E . -13.44 8.46 -18.56
N1 37T E . -12.60 7.36 -18.59
C5 37T E . -14.82 8.09 -18.38
N7 37T E . -15.99 8.84 -18.28
C13 37T E . -16.12 10.29 -18.34
C8 37T E . -16.99 7.93 -18.11
N9 37T E . -16.57 6.67 -18.08
C4 37T E . -15.22 6.77 -18.25
N3 37T E . -14.31 5.74 -18.30
C12 37T E . -14.75 4.34 -18.19
C2 37T E . -12.95 6.03 -18.46
O2 37T E . -12.10 5.14 -18.47
S SO4 F . -8.88 3.05 -18.10
O1 SO4 F . -9.23 4.45 -17.80
O2 SO4 F . -8.73 2.86 -19.54
O3 SO4 F . -7.61 2.67 -17.45
O4 SO4 F . -9.94 2.18 -17.55
S SO4 G . -12.22 24.37 -10.72
O1 SO4 G . -12.26 25.64 -9.96
O2 SO4 G . -13.32 24.35 -11.70
O3 SO4 G . -10.94 24.27 -11.44
O4 SO4 G . -12.32 23.20 -9.82
O6 37T H . -20.10 9.34 13.47
C6 37T H . -20.60 9.87 14.46
N1 37T H . -21.52 10.90 14.33
C5 37T H . -20.36 9.54 15.83
N7 37T H . -19.50 8.63 16.43
C13 37T H . -18.53 7.78 15.76
C8 37T H . -19.68 8.77 17.77
N9 37T H . -20.59 9.69 18.08
C4 37T H . -21.00 10.16 16.87
N3 37T H . -21.91 11.18 16.65
C12 37T H . -22.62 11.83 17.75
C2 37T H . -22.18 11.58 15.33
O2 37T H . -22.92 12.51 15.08
S SO4 I . -11.14 11.18 27.73
O1 SO4 I . -12.31 11.88 27.18
O2 SO4 I . -10.03 11.17 26.76
O3 SO4 I . -10.67 11.87 28.94
O4 SO4 I . -11.58 9.82 28.07
S SO4 J . -20.85 19.65 15.68
O1 SO4 J . -21.82 20.47 14.92
O2 SO4 J . -19.50 19.90 15.14
O3 SO4 J . -20.92 19.97 17.11
O4 SO4 J . -21.13 18.22 15.52
O6 37T K . 20.40 -3.44 -5.93
C6 37T K . 19.65 -2.52 -5.60
N1 37T K . 20.09 -1.55 -4.71
C5 37T K . 18.29 -2.29 -6.03
N7 37T K . 17.42 -3.02 -6.81
C13 37T K . 17.64 -4.35 -7.39
C8 37T K . 16.27 -2.32 -6.84
N9 37T K . 16.32 -1.21 -6.12
C4 37T K . 17.58 -1.20 -5.61
N3 37T K . 18.09 -0.30 -4.72
C12 37T K . 17.30 0.85 -4.26
C2 37T K . 19.38 -0.46 -4.23
O2 37T K . 19.86 0.30 -3.41
#